data_1PEF
# 
_entry.id   1PEF 
# 
_audit_conform.dict_name       mmcif_pdbx.dic 
_audit_conform.dict_version    5.386 
_audit_conform.dict_location   http://mmcif.pdb.org/dictionaries/ascii/mmcif_pdbx.dic 
# 
loop_
_database_2.database_id 
_database_2.database_code 
_database_2.pdbx_database_accession 
_database_2.pdbx_DOI 
PDB   1PEF         pdb_00001pef 10.2210/pdb1pef/pdb 
WWPDB D_1000175626 ?            ?                   
# 
loop_
_pdbx_audit_revision_history.ordinal 
_pdbx_audit_revision_history.data_content_type 
_pdbx_audit_revision_history.major_revision 
_pdbx_audit_revision_history.minor_revision 
_pdbx_audit_revision_history.revision_date 
1 'Structure model' 1 0 1996-12-07 
2 'Structure model' 1 1 2008-03-24 
3 'Structure model' 1 2 2011-07-13 
4 'Structure model' 1 3 2018-04-18 
5 'Structure model' 1 4 2024-02-14 
# 
_pdbx_audit_revision_details.ordinal             1 
_pdbx_audit_revision_details.revision_ordinal    1 
_pdbx_audit_revision_details.data_content_type   'Structure model' 
_pdbx_audit_revision_details.provider            repository 
_pdbx_audit_revision_details.type                'Initial release' 
_pdbx_audit_revision_details.description         ? 
_pdbx_audit_revision_details.details             ? 
# 
loop_
_pdbx_audit_revision_group.ordinal 
_pdbx_audit_revision_group.revision_ordinal 
_pdbx_audit_revision_group.data_content_type 
_pdbx_audit_revision_group.group 
1 2 'Structure model' 'Version format compliance' 
2 3 'Structure model' 'Version format compliance' 
3 4 'Structure model' 'Data collection'           
4 4 'Structure model' Other                       
5 5 'Structure model' 'Data collection'           
6 5 'Structure model' 'Database references'       
# 
loop_
_pdbx_audit_revision_category.ordinal 
_pdbx_audit_revision_category.revision_ordinal 
_pdbx_audit_revision_category.data_content_type 
_pdbx_audit_revision_category.category 
1 4 'Structure model' diffrn_detector      
2 4 'Structure model' pdbx_database_status 
3 5 'Structure model' chem_comp_atom       
4 5 'Structure model' chem_comp_bond       
5 5 'Structure model' database_2           
# 
loop_
_pdbx_audit_revision_item.ordinal 
_pdbx_audit_revision_item.revision_ordinal 
_pdbx_audit_revision_item.data_content_type 
_pdbx_audit_revision_item.item 
1 4 'Structure model' '_diffrn_detector.detector'           
2 4 'Structure model' '_pdbx_database_status.process_site'  
3 5 'Structure model' '_database_2.pdbx_DOI'                
4 5 'Structure model' '_database_2.pdbx_database_accession' 
# 
_pdbx_database_status.status_code                     REL 
_pdbx_database_status.entry_id                        1PEF 
_pdbx_database_status.recvd_initial_deposition_date   1995-06-19 
_pdbx_database_status.deposit_site                    ? 
_pdbx_database_status.process_site                    BNL 
_pdbx_database_status.SG_entry                        . 
_pdbx_database_status.pdb_format_compatible           Y 
_pdbx_database_status.status_code_mr                  ? 
_pdbx_database_status.status_code_sf                  ? 
_pdbx_database_status.status_code_cs                  ? 
_pdbx_database_status.methods_development_category    ? 
_pdbx_database_status.status_code_nmr_data            ? 
# 
loop_
_audit_author.name 
_audit_author.pdbx_ordinal 
'Garavito, R.M.' 1 
'Taylor, K.'     2 
'Yang, N.C.'     3 
# 
loop_
_citation.id 
_citation.title 
_citation.journal_abbrev 
_citation.journal_volume 
_citation.page_first 
_citation.page_last 
_citation.year 
_citation.journal_id_ASTM 
_citation.country 
_citation.journal_id_ISSN 
_citation.journal_id_CSD 
_citation.book_publisher 
_citation.pdbx_database_id_PubMed 
_citation.pdbx_database_id_DOI 
primary 'A novel, multilayer structure of a helical peptide.'       'Protein Sci.' 5   414   421 1996 PRCIEI US 0961-8368 0795 ? 
8868477 ? 
1       'Fluorescence Study of Hexameric Helical Peptide Systems'   J.Phys.Chem.   97  13330 ?   1993 JPCHAX US 0022-3654 0037 ? ? 
? 
2       'Self-Assembling Hexameric Helical Bundle Forming Peptides' J.Am.Chem.Soc. 114 2279  ?   1992 JACSAT US 0002-7863 0004 ? ? 
? 
# 
loop_
_citation_author.citation_id 
_citation_author.name 
_citation_author.ordinal 
_citation_author.identifier_ORCID 
primary 'Taylor, K.S.'   1  ? 
primary 'Lou, M.Z.'      2  ? 
primary 'Chin, T.M.'     3  ? 
primary 'Yang, N.C.'     4  ? 
primary 'Garavito, R.M.' 5  ? 
1       'Hu, Y.'         6  ? 
1       'Chin, T.-M.'    7  ? 
1       'Fleming, G.R.'  8  ? 
1       'Yang, N.C.'     9  ? 
2       'Chin, T.-M.'    10 ? 
2       'Berndt, K.D.'   11 ? 
2       'Yang, N.C.'     12 ? 
# 
loop_
_entity.id 
_entity.type 
_entity.src_method 
_entity.pdbx_description 
_entity.formula_weight 
_entity.pdbx_number_of_molecules 
_entity.pdbx_ec 
_entity.pdbx_mutation 
_entity.pdbx_fragment 
_entity.details 
1 polymer man 'PEPTIDE F (EQLLKALEFLLKELLEKL)' 2173.653 1 ? ? ? ? 
2 water   nat water                            18.015   9 ? ? ? ? 
# 
_entity_poly.entity_id                      1 
_entity_poly.type                           'polypeptide(L)' 
_entity_poly.nstd_linkage                   no 
_entity_poly.nstd_monomer                   no 
_entity_poly.pdbx_seq_one_letter_code       EQLLKALEFLLKELLEKL 
_entity_poly.pdbx_seq_one_letter_code_can   EQLLKALEFLLKELLEKL 
_entity_poly.pdbx_strand_id                 A 
_entity_poly.pdbx_target_identifier         ? 
# 
_pdbx_entity_nonpoly.entity_id   2 
_pdbx_entity_nonpoly.name        water 
_pdbx_entity_nonpoly.comp_id     HOH 
# 
loop_
_entity_poly_seq.entity_id 
_entity_poly_seq.num 
_entity_poly_seq.mon_id 
_entity_poly_seq.hetero 
1 1  GLU n 
1 2  GLN n 
1 3  LEU n 
1 4  LEU n 
1 5  LYS n 
1 6  ALA n 
1 7  LEU n 
1 8  GLU n 
1 9  PHE n 
1 10 LEU n 
1 11 LEU n 
1 12 LYS n 
1 13 GLU n 
1 14 LEU n 
1 15 LEU n 
1 16 GLU n 
1 17 LYS n 
1 18 LEU n 
# 
loop_
_chem_comp.id 
_chem_comp.type 
_chem_comp.mon_nstd_flag 
_chem_comp.name 
_chem_comp.pdbx_synonyms 
_chem_comp.formula 
_chem_comp.formula_weight 
ALA 'L-peptide linking' y ALANINE         ? 'C3 H7 N O2'     89.093  
GLN 'L-peptide linking' y GLUTAMINE       ? 'C5 H10 N2 O3'   146.144 
GLU 'L-peptide linking' y 'GLUTAMIC ACID' ? 'C5 H9 N O4'     147.129 
HOH non-polymer         . WATER           ? 'H2 O'           18.015  
LEU 'L-peptide linking' y LEUCINE         ? 'C6 H13 N O2'    131.173 
LYS 'L-peptide linking' y LYSINE          ? 'C6 H15 N2 O2 1' 147.195 
PHE 'L-peptide linking' y PHENYLALANINE   ? 'C9 H11 N O2'    165.189 
# 
loop_
_pdbx_poly_seq_scheme.asym_id 
_pdbx_poly_seq_scheme.entity_id 
_pdbx_poly_seq_scheme.seq_id 
_pdbx_poly_seq_scheme.mon_id 
_pdbx_poly_seq_scheme.ndb_seq_num 
_pdbx_poly_seq_scheme.pdb_seq_num 
_pdbx_poly_seq_scheme.auth_seq_num 
_pdbx_poly_seq_scheme.pdb_mon_id 
_pdbx_poly_seq_scheme.auth_mon_id 
_pdbx_poly_seq_scheme.pdb_strand_id 
_pdbx_poly_seq_scheme.pdb_ins_code 
_pdbx_poly_seq_scheme.hetero 
A 1 1  GLU 1  1  1  GLU GLU A . n 
A 1 2  GLN 2  2  2  GLN GLN A . n 
A 1 3  LEU 3  3  3  LEU LEU A . n 
A 1 4  LEU 4  4  4  LEU LEU A . n 
A 1 5  LYS 5  5  5  LYS LYS A . n 
A 1 6  ALA 6  6  6  ALA ALA A . n 
A 1 7  LEU 7  7  7  LEU LEU A . n 
A 1 8  GLU 8  8  8  GLU GLU A . n 
A 1 9  PHE 9  9  9  PHE PHE A . n 
A 1 10 LEU 10 10 10 LEU LEU A . n 
A 1 11 LEU 11 11 11 LEU LEU A . n 
A 1 12 LYS 12 12 12 LYS LYS A . n 
A 1 13 GLU 13 13 13 GLU GLU A . n 
A 1 14 LEU 14 14 14 LEU LEU A . n 
A 1 15 LEU 15 15 15 LEU LEU A . n 
A 1 16 GLU 16 16 16 GLU GLU A . n 
A 1 17 LYS 17 17 17 LYS LYS A . n 
A 1 18 LEU 18 18 18 LEU LEU A . n 
# 
loop_
_pdbx_nonpoly_scheme.asym_id 
_pdbx_nonpoly_scheme.entity_id 
_pdbx_nonpoly_scheme.mon_id 
_pdbx_nonpoly_scheme.ndb_seq_num 
_pdbx_nonpoly_scheme.pdb_seq_num 
_pdbx_nonpoly_scheme.auth_seq_num 
_pdbx_nonpoly_scheme.pdb_mon_id 
_pdbx_nonpoly_scheme.auth_mon_id 
_pdbx_nonpoly_scheme.pdb_strand_id 
_pdbx_nonpoly_scheme.pdb_ins_code 
B 2 HOH 1 19 19 HOH HOH A . 
B 2 HOH 2 20 20 HOH HOH A . 
B 2 HOH 3 21 21 HOH HOH A . 
B 2 HOH 4 22 22 HOH HOH A . 
B 2 HOH 5 23 23 HOH HOH A . 
B 2 HOH 6 25 25 HOH HOH A . 
B 2 HOH 7 26 26 HOH HOH A . 
B 2 HOH 8 27 27 HOH HOH A . 
B 2 HOH 9 28 28 HOH HOH A . 
# 
loop_
_software.name 
_software.classification 
_software.version 
_software.citation_id 
_software.pdbx_ordinal 
X-PLOR 'model building' 3.1 ? 1 
X-PLOR refinement       3.1 ? 2 
SADNES 'data reduction' .   ? 3 
MADNES 'data reduction' .   ? 4 
CCP4   'data reduction' .   ? 5 
X-PLOR phasing          3.1 ? 6 
# 
_cell.entry_id           1PEF 
_cell.length_a           22.600 
_cell.length_b           10.670 
_cell.length_c           29.240 
_cell.angle_alpha        90.00 
_cell.angle_beta         101.85 
_cell.angle_gamma        90.00 
_cell.Z_PDB              2 
_cell.pdbx_unique_axis   ? 
# 
_symmetry.entry_id                         1PEF 
_symmetry.space_group_name_H-M             'P 1 21 1' 
_symmetry.pdbx_full_space_group_name_H-M   ? 
_symmetry.cell_setting                     ? 
_symmetry.Int_Tables_number                4 
# 
_exptl.entry_id          1PEF 
_exptl.method            'X-RAY DIFFRACTION' 
_exptl.crystals_number   ? 
# 
_exptl_crystal.id                    1 
_exptl_crystal.density_meas          ? 
_exptl_crystal.density_Matthews      1.59 
_exptl_crystal.density_percent_sol   22.51 
_exptl_crystal.description           ? 
# 
_diffrn.id                     1 
_diffrn.ambient_temp           ? 
_diffrn.ambient_temp_details   ? 
_diffrn.crystal_id             1 
# 
_diffrn_detector.diffrn_id              1 
_diffrn_detector.detector               DIFFRACTOMETER 
_diffrn_detector.type                   'ENRAF-NONIUS FAST' 
_diffrn_detector.pdbx_collection_date   1993-11 
_diffrn_detector.details                ? 
# 
_diffrn_radiation.diffrn_id                        1 
_diffrn_radiation.wavelength_id                    1 
_diffrn_radiation.pdbx_monochromatic_or_laue_m_l   M 
_diffrn_radiation.monochromator                    ? 
_diffrn_radiation.pdbx_diffrn_protocol             ? 
_diffrn_radiation.pdbx_scattering_type             x-ray 
# 
_diffrn_radiation_wavelength.id           1 
_diffrn_radiation_wavelength.wavelength   0.7107 
_diffrn_radiation_wavelength.wt           1.0 
# 
_diffrn_source.diffrn_id                   1 
_diffrn_source.source                      ? 
_diffrn_source.type                        ? 
_diffrn_source.pdbx_synchrotron_site       ? 
_diffrn_source.pdbx_synchrotron_beamline   ? 
_diffrn_source.pdbx_wavelength             0.7107 
_diffrn_source.pdbx_wavelength_list        ? 
# 
_reflns.entry_id                     1PEF 
_reflns.observed_criterion_sigma_I   2.0 
_reflns.observed_criterion_sigma_F   ? 
_reflns.d_resolution_low             8.0 
_reflns.d_resolution_high            1.41 
_reflns.number_obs                   2360 
_reflns.number_all                   ? 
_reflns.percent_possible_obs         ? 
_reflns.pdbx_Rmerge_I_obs            0.0750000 
_reflns.pdbx_Rsym_value              ? 
_reflns.pdbx_netI_over_sigmaI        ? 
_reflns.B_iso_Wilson_estimate        ? 
_reflns.pdbx_redundancy              8. 
_reflns.pdbx_diffrn_id               1 
_reflns.pdbx_ordinal                 1 
# 
_refine.entry_id                                 1PEF 
_refine.ls_number_reflns_obs                     2360 
_refine.ls_number_reflns_all                     ? 
_refine.pdbx_ls_sigma_I                          ? 
_refine.pdbx_ls_sigma_F                          2.0 
_refine.pdbx_data_cutoff_high_absF               ? 
_refine.pdbx_data_cutoff_low_absF                ? 
_refine.pdbx_data_cutoff_high_rms_absF           ? 
_refine.ls_d_res_low                             8.0 
_refine.ls_d_res_high                            1.5 
_refine.ls_percent_reflns_obs                    99.5 
_refine.ls_R_factor_obs                          0.1700000 
_refine.ls_R_factor_all                          ? 
_refine.ls_R_factor_R_work                       0.1700000 
_refine.ls_R_factor_R_free                       0.1960000 
_refine.ls_R_factor_R_free_error                 ? 
_refine.ls_R_factor_R_free_error_details         ? 
_refine.ls_percent_reflns_R_free                 ? 
_refine.ls_number_reflns_R_free                  ? 
_refine.ls_number_parameters                     ? 
_refine.ls_number_restraints                     ? 
_refine.occupancy_min                            ? 
_refine.occupancy_max                            ? 
_refine.B_iso_mean                               12.3 
_refine.aniso_B[1][1]                            ? 
_refine.aniso_B[2][2]                            ? 
_refine.aniso_B[3][3]                            ? 
_refine.aniso_B[1][2]                            ? 
_refine.aniso_B[1][3]                            ? 
_refine.aniso_B[2][3]                            ? 
_refine.solvent_model_details                    ? 
_refine.solvent_model_param_ksol                 ? 
_refine.solvent_model_param_bsol                 ? 
_refine.pdbx_ls_cross_valid_method               ? 
_refine.details                                  ? 
_refine.pdbx_starting_model                      ? 
_refine.pdbx_method_to_determine_struct          ? 
_refine.pdbx_isotropic_thermal_model             ? 
_refine.pdbx_stereochemistry_target_values       ? 
_refine.pdbx_stereochem_target_val_spec_case     ? 
_refine.pdbx_R_Free_selection_details            ? 
_refine.pdbx_overall_ESU_R                       ? 
_refine.pdbx_overall_ESU_R_Free                  ? 
_refine.overall_SU_ML                            ? 
_refine.overall_SU_B                             ? 
_refine.pdbx_refine_id                           'X-RAY DIFFRACTION' 
_refine.pdbx_diffrn_id                           1 
_refine.pdbx_TLS_residual_ADP_flag               ? 
_refine.correlation_coeff_Fo_to_Fc               ? 
_refine.correlation_coeff_Fo_to_Fc_free          ? 
_refine.pdbx_solvent_vdw_probe_radii             ? 
_refine.pdbx_solvent_ion_probe_radii             ? 
_refine.pdbx_solvent_shrinkage_radii             ? 
_refine.pdbx_overall_phase_error                 ? 
_refine.overall_SU_R_Cruickshank_DPI             ? 
_refine.pdbx_overall_SU_R_free_Cruickshank_DPI   ? 
_refine.pdbx_overall_SU_R_Blow_DPI               ? 
_refine.pdbx_overall_SU_R_free_Blow_DPI          ? 
# 
_refine_analyze.entry_id                        1PEF 
_refine_analyze.Luzzati_coordinate_error_obs    0.15 
_refine_analyze.Luzzati_sigma_a_obs             ? 
_refine_analyze.Luzzati_d_res_low_obs           ? 
_refine_analyze.Luzzati_coordinate_error_free   ? 
_refine_analyze.Luzzati_sigma_a_free            ? 
_refine_analyze.Luzzati_d_res_low_free          ? 
_refine_analyze.number_disordered_residues      ? 
_refine_analyze.occupancy_sum_hydrogen          ? 
_refine_analyze.occupancy_sum_non_hydrogen      ? 
_refine_analyze.pdbx_refine_id                  'X-RAY DIFFRACTION' 
# 
_refine_hist.pdbx_refine_id                   'X-RAY DIFFRACTION' 
_refine_hist.cycle_id                         LAST 
_refine_hist.pdbx_number_atoms_protein        153 
_refine_hist.pdbx_number_atoms_nucleic_acid   0 
_refine_hist.pdbx_number_atoms_ligand         0 
_refine_hist.number_atoms_solvent             9 
_refine_hist.number_atoms_total               162 
_refine_hist.d_res_high                       1.5 
_refine_hist.d_res_low                        8.0 
# 
loop_
_refine_ls_restr.type 
_refine_ls_restr.dev_ideal 
_refine_ls_restr.dev_ideal_target 
_refine_ls_restr.weight 
_refine_ls_restr.number 
_refine_ls_restr.pdbx_refine_id 
_refine_ls_restr.pdbx_restraint_function 
x_bond_d                0.013 ? ? ? 'X-RAY DIFFRACTION' ? 
x_bond_d_na             ?     ? ? ? 'X-RAY DIFFRACTION' ? 
x_bond_d_prot           ?     ? ? ? 'X-RAY DIFFRACTION' ? 
x_angle_d               ?     ? ? ? 'X-RAY DIFFRACTION' ? 
x_angle_d_na            ?     ? ? ? 'X-RAY DIFFRACTION' ? 
x_angle_d_prot          ?     ? ? ? 'X-RAY DIFFRACTION' ? 
x_angle_deg             1.4   ? ? ? 'X-RAY DIFFRACTION' ? 
x_angle_deg_na          ?     ? ? ? 'X-RAY DIFFRACTION' ? 
x_angle_deg_prot        ?     ? ? ? 'X-RAY DIFFRACTION' ? 
x_dihedral_angle_d      17.0  ? ? ? 'X-RAY DIFFRACTION' ? 
x_dihedral_angle_d_na   ?     ? ? ? 'X-RAY DIFFRACTION' ? 
x_dihedral_angle_d_prot ?     ? ? ? 'X-RAY DIFFRACTION' ? 
x_improper_angle_d      1.37  ? ? ? 'X-RAY DIFFRACTION' ? 
x_improper_angle_d_na   ?     ? ? ? 'X-RAY DIFFRACTION' ? 
x_improper_angle_d_prot ?     ? ? ? 'X-RAY DIFFRACTION' ? 
x_mcbond_it             ?     ? ? ? 'X-RAY DIFFRACTION' ? 
x_mcangle_it            ?     ? ? ? 'X-RAY DIFFRACTION' ? 
x_scbond_it             ?     ? ? ? 'X-RAY DIFFRACTION' ? 
x_scangle_it            ?     ? ? ? 'X-RAY DIFFRACTION' ? 
# 
_struct.entry_id                  1PEF 
_struct.title                     'PEPTIDE F (EQLLKALEFLLKELLEKL), AMPHIPHILIC OCTADECAPEPTIDE' 
_struct.pdbx_model_details        ? 
_struct.pdbx_CASP_flag            ? 
_struct.pdbx_model_type_details   ? 
# 
_struct_keywords.entry_id        1PEF 
_struct_keywords.pdbx_keywords   'SYNTHETIC PROTEIN' 
_struct_keywords.text            'ALPHA-HELICAL BUNDLE, SYNTHETIC PROTEIN' 
# 
loop_
_struct_asym.id 
_struct_asym.pdbx_blank_PDB_chainid_flag 
_struct_asym.pdbx_modified 
_struct_asym.entity_id 
_struct_asym.details 
A N N 1 ? 
B N N 2 ? 
# 
_struct_ref.id                         1 
_struct_ref.entity_id                  1 
_struct_ref.db_name                    PDB 
_struct_ref.db_code                    1PEF 
_struct_ref.pdbx_db_accession          1PEF 
_struct_ref.pdbx_db_isoform            ? 
_struct_ref.pdbx_seq_one_letter_code   ? 
_struct_ref.pdbx_align_begin           ? 
# 
_struct_ref_seq.align_id                      1 
_struct_ref_seq.ref_id                        1 
_struct_ref_seq.pdbx_PDB_id_code              1PEF 
_struct_ref_seq.pdbx_strand_id                A 
_struct_ref_seq.seq_align_beg                 1 
_struct_ref_seq.pdbx_seq_align_beg_ins_code   ? 
_struct_ref_seq.seq_align_end                 18 
_struct_ref_seq.pdbx_seq_align_end_ins_code   ? 
_struct_ref_seq.pdbx_db_accession             1PEF 
_struct_ref_seq.db_align_beg                  1 
_struct_ref_seq.pdbx_db_align_beg_ins_code    ? 
_struct_ref_seq.db_align_end                  18 
_struct_ref_seq.pdbx_db_align_end_ins_code    ? 
_struct_ref_seq.pdbx_auth_seq_align_beg       1 
_struct_ref_seq.pdbx_auth_seq_align_end       18 
# 
_pdbx_struct_assembly.id                   1 
_pdbx_struct_assembly.details              author_defined_assembly 
_pdbx_struct_assembly.method_details       ? 
_pdbx_struct_assembly.oligomeric_details   monomeric 
_pdbx_struct_assembly.oligomeric_count     1 
# 
_pdbx_struct_assembly_gen.assembly_id       1 
_pdbx_struct_assembly_gen.oper_expression   1 
_pdbx_struct_assembly_gen.asym_id_list      A,B 
# 
_pdbx_struct_oper_list.id                   1 
_pdbx_struct_oper_list.type                 'identity operation' 
_pdbx_struct_oper_list.name                 1_555 
_pdbx_struct_oper_list.symmetry_operation   x,y,z 
_pdbx_struct_oper_list.matrix[1][1]         1.0000000000 
_pdbx_struct_oper_list.matrix[1][2]         0.0000000000 
_pdbx_struct_oper_list.matrix[1][3]         0.0000000000 
_pdbx_struct_oper_list.vector[1]            0.0000000000 
_pdbx_struct_oper_list.matrix[2][1]         0.0000000000 
_pdbx_struct_oper_list.matrix[2][2]         1.0000000000 
_pdbx_struct_oper_list.matrix[2][3]         0.0000000000 
_pdbx_struct_oper_list.vector[2]            0.0000000000 
_pdbx_struct_oper_list.matrix[3][1]         0.0000000000 
_pdbx_struct_oper_list.matrix[3][2]         0.0000000000 
_pdbx_struct_oper_list.matrix[3][3]         1.0000000000 
_pdbx_struct_oper_list.vector[3]            0.0000000000 
# 
_struct_biol.id   1 
# 
_struct_conf.conf_type_id            HELX_P 
_struct_conf.id                      HELX_P1 
_struct_conf.pdbx_PDB_helix_id       1 
_struct_conf.beg_label_comp_id       GLN 
_struct_conf.beg_label_asym_id       A 
_struct_conf.beg_label_seq_id        2 
_struct_conf.pdbx_beg_PDB_ins_code   ? 
_struct_conf.end_label_comp_id       LEU 
_struct_conf.end_label_asym_id       A 
_struct_conf.end_label_seq_id        15 
_struct_conf.pdbx_end_PDB_ins_code   ? 
_struct_conf.beg_auth_comp_id        GLN 
_struct_conf.beg_auth_asym_id        A 
_struct_conf.beg_auth_seq_id         2 
_struct_conf.end_auth_comp_id        LEU 
_struct_conf.end_auth_asym_id        A 
_struct_conf.end_auth_seq_id         15 
_struct_conf.pdbx_PDB_helix_class    1 
_struct_conf.details                 ? 
_struct_conf.pdbx_PDB_helix_length   14 
# 
_struct_conf_type.id          HELX_P 
_struct_conf_type.criteria    ? 
_struct_conf_type.reference   ? 
# 
loop_
_chem_comp_atom.comp_id 
_chem_comp_atom.atom_id 
_chem_comp_atom.type_symbol 
_chem_comp_atom.pdbx_aromatic_flag 
_chem_comp_atom.pdbx_stereo_config 
_chem_comp_atom.pdbx_ordinal 
ALA N    N N N 1   
ALA CA   C N S 2   
ALA C    C N N 3   
ALA O    O N N 4   
ALA CB   C N N 5   
ALA OXT  O N N 6   
ALA H    H N N 7   
ALA H2   H N N 8   
ALA HA   H N N 9   
ALA HB1  H N N 10  
ALA HB2  H N N 11  
ALA HB3  H N N 12  
ALA HXT  H N N 13  
GLN N    N N N 14  
GLN CA   C N S 15  
GLN C    C N N 16  
GLN O    O N N 17  
GLN CB   C N N 18  
GLN CG   C N N 19  
GLN CD   C N N 20  
GLN OE1  O N N 21  
GLN NE2  N N N 22  
GLN OXT  O N N 23  
GLN H    H N N 24  
GLN H2   H N N 25  
GLN HA   H N N 26  
GLN HB2  H N N 27  
GLN HB3  H N N 28  
GLN HG2  H N N 29  
GLN HG3  H N N 30  
GLN HE21 H N N 31  
GLN HE22 H N N 32  
GLN HXT  H N N 33  
GLU N    N N N 34  
GLU CA   C N S 35  
GLU C    C N N 36  
GLU O    O N N 37  
GLU CB   C N N 38  
GLU CG   C N N 39  
GLU CD   C N N 40  
GLU OE1  O N N 41  
GLU OE2  O N N 42  
GLU OXT  O N N 43  
GLU H    H N N 44  
GLU H2   H N N 45  
GLU HA   H N N 46  
GLU HB2  H N N 47  
GLU HB3  H N N 48  
GLU HG2  H N N 49  
GLU HG3  H N N 50  
GLU HE2  H N N 51  
GLU HXT  H N N 52  
HOH O    O N N 53  
HOH H1   H N N 54  
HOH H2   H N N 55  
LEU N    N N N 56  
LEU CA   C N S 57  
LEU C    C N N 58  
LEU O    O N N 59  
LEU CB   C N N 60  
LEU CG   C N N 61  
LEU CD1  C N N 62  
LEU CD2  C N N 63  
LEU OXT  O N N 64  
LEU H    H N N 65  
LEU H2   H N N 66  
LEU HA   H N N 67  
LEU HB2  H N N 68  
LEU HB3  H N N 69  
LEU HG   H N N 70  
LEU HD11 H N N 71  
LEU HD12 H N N 72  
LEU HD13 H N N 73  
LEU HD21 H N N 74  
LEU HD22 H N N 75  
LEU HD23 H N N 76  
LEU HXT  H N N 77  
LYS N    N N N 78  
LYS CA   C N S 79  
LYS C    C N N 80  
LYS O    O N N 81  
LYS CB   C N N 82  
LYS CG   C N N 83  
LYS CD   C N N 84  
LYS CE   C N N 85  
LYS NZ   N N N 86  
LYS OXT  O N N 87  
LYS H    H N N 88  
LYS H2   H N N 89  
LYS HA   H N N 90  
LYS HB2  H N N 91  
LYS HB3  H N N 92  
LYS HG2  H N N 93  
LYS HG3  H N N 94  
LYS HD2  H N N 95  
LYS HD3  H N N 96  
LYS HE2  H N N 97  
LYS HE3  H N N 98  
LYS HZ1  H N N 99  
LYS HZ2  H N N 100 
LYS HZ3  H N N 101 
LYS HXT  H N N 102 
PHE N    N N N 103 
PHE CA   C N S 104 
PHE C    C N N 105 
PHE O    O N N 106 
PHE CB   C N N 107 
PHE CG   C Y N 108 
PHE CD1  C Y N 109 
PHE CD2  C Y N 110 
PHE CE1  C Y N 111 
PHE CE2  C Y N 112 
PHE CZ   C Y N 113 
PHE OXT  O N N 114 
PHE H    H N N 115 
PHE H2   H N N 116 
PHE HA   H N N 117 
PHE HB2  H N N 118 
PHE HB3  H N N 119 
PHE HD1  H N N 120 
PHE HD2  H N N 121 
PHE HE1  H N N 122 
PHE HE2  H N N 123 
PHE HZ   H N N 124 
PHE HXT  H N N 125 
# 
loop_
_chem_comp_bond.comp_id 
_chem_comp_bond.atom_id_1 
_chem_comp_bond.atom_id_2 
_chem_comp_bond.value_order 
_chem_comp_bond.pdbx_aromatic_flag 
_chem_comp_bond.pdbx_stereo_config 
_chem_comp_bond.pdbx_ordinal 
ALA N   CA   sing N N 1   
ALA N   H    sing N N 2   
ALA N   H2   sing N N 3   
ALA CA  C    sing N N 4   
ALA CA  CB   sing N N 5   
ALA CA  HA   sing N N 6   
ALA C   O    doub N N 7   
ALA C   OXT  sing N N 8   
ALA CB  HB1  sing N N 9   
ALA CB  HB2  sing N N 10  
ALA CB  HB3  sing N N 11  
ALA OXT HXT  sing N N 12  
GLN N   CA   sing N N 13  
GLN N   H    sing N N 14  
GLN N   H2   sing N N 15  
GLN CA  C    sing N N 16  
GLN CA  CB   sing N N 17  
GLN CA  HA   sing N N 18  
GLN C   O    doub N N 19  
GLN C   OXT  sing N N 20  
GLN CB  CG   sing N N 21  
GLN CB  HB2  sing N N 22  
GLN CB  HB3  sing N N 23  
GLN CG  CD   sing N N 24  
GLN CG  HG2  sing N N 25  
GLN CG  HG3  sing N N 26  
GLN CD  OE1  doub N N 27  
GLN CD  NE2  sing N N 28  
GLN NE2 HE21 sing N N 29  
GLN NE2 HE22 sing N N 30  
GLN OXT HXT  sing N N 31  
GLU N   CA   sing N N 32  
GLU N   H    sing N N 33  
GLU N   H2   sing N N 34  
GLU CA  C    sing N N 35  
GLU CA  CB   sing N N 36  
GLU CA  HA   sing N N 37  
GLU C   O    doub N N 38  
GLU C   OXT  sing N N 39  
GLU CB  CG   sing N N 40  
GLU CB  HB2  sing N N 41  
GLU CB  HB3  sing N N 42  
GLU CG  CD   sing N N 43  
GLU CG  HG2  sing N N 44  
GLU CG  HG3  sing N N 45  
GLU CD  OE1  doub N N 46  
GLU CD  OE2  sing N N 47  
GLU OE2 HE2  sing N N 48  
GLU OXT HXT  sing N N 49  
HOH O   H1   sing N N 50  
HOH O   H2   sing N N 51  
LEU N   CA   sing N N 52  
LEU N   H    sing N N 53  
LEU N   H2   sing N N 54  
LEU CA  C    sing N N 55  
LEU CA  CB   sing N N 56  
LEU CA  HA   sing N N 57  
LEU C   O    doub N N 58  
LEU C   OXT  sing N N 59  
LEU CB  CG   sing N N 60  
LEU CB  HB2  sing N N 61  
LEU CB  HB3  sing N N 62  
LEU CG  CD1  sing N N 63  
LEU CG  CD2  sing N N 64  
LEU CG  HG   sing N N 65  
LEU CD1 HD11 sing N N 66  
LEU CD1 HD12 sing N N 67  
LEU CD1 HD13 sing N N 68  
LEU CD2 HD21 sing N N 69  
LEU CD2 HD22 sing N N 70  
LEU CD2 HD23 sing N N 71  
LEU OXT HXT  sing N N 72  
LYS N   CA   sing N N 73  
LYS N   H    sing N N 74  
LYS N   H2   sing N N 75  
LYS CA  C    sing N N 76  
LYS CA  CB   sing N N 77  
LYS CA  HA   sing N N 78  
LYS C   O    doub N N 79  
LYS C   OXT  sing N N 80  
LYS CB  CG   sing N N 81  
LYS CB  HB2  sing N N 82  
LYS CB  HB3  sing N N 83  
LYS CG  CD   sing N N 84  
LYS CG  HG2  sing N N 85  
LYS CG  HG3  sing N N 86  
LYS CD  CE   sing N N 87  
LYS CD  HD2  sing N N 88  
LYS CD  HD3  sing N N 89  
LYS CE  NZ   sing N N 90  
LYS CE  HE2  sing N N 91  
LYS CE  HE3  sing N N 92  
LYS NZ  HZ1  sing N N 93  
LYS NZ  HZ2  sing N N 94  
LYS NZ  HZ3  sing N N 95  
LYS OXT HXT  sing N N 96  
PHE N   CA   sing N N 97  
PHE N   H    sing N N 98  
PHE N   H2   sing N N 99  
PHE CA  C    sing N N 100 
PHE CA  CB   sing N N 101 
PHE CA  HA   sing N N 102 
PHE C   O    doub N N 103 
PHE C   OXT  sing N N 104 
PHE CB  CG   sing N N 105 
PHE CB  HB2  sing N N 106 
PHE CB  HB3  sing N N 107 
PHE CG  CD1  doub Y N 108 
PHE CG  CD2  sing Y N 109 
PHE CD1 CE1  sing Y N 110 
PHE CD1 HD1  sing N N 111 
PHE CD2 CE2  doub Y N 112 
PHE CD2 HD2  sing N N 113 
PHE CE1 CZ   doub Y N 114 
PHE CE1 HE1  sing N N 115 
PHE CE2 CZ   sing Y N 116 
PHE CE2 HE2  sing N N 117 
PHE CZ  HZ   sing N N 118 
PHE OXT HXT  sing N N 119 
# 
_atom_sites.entry_id                    1PEF 
_atom_sites.fract_transf_matrix[1][1]   0.02489145 
_atom_sites.fract_transf_matrix[1][2]   0.03758052 
_atom_sites.fract_transf_matrix[1][3]   -0.00349260 
_atom_sites.fract_transf_matrix[2][1]   0.03295445 
_atom_sites.fract_transf_matrix[2][2]   -0.02950630 
_atom_sites.fract_transf_matrix[2][3]   -0.08262571 
_atom_sites.fract_transf_matrix[3][1]   -0.02194284 
_atom_sites.fract_transf_matrix[3][2]   0.02163512 
_atom_sites.fract_transf_matrix[3][3]   -0.01647776 
_atom_sites.fract_transf_vector[1]      0.271794 
_atom_sites.fract_transf_vector[2]      -0.546487 
_atom_sites.fract_transf_vector[3]      0.021135 
# 
loop_
_atom_type.symbol 
C 
N 
O 
# 
loop_
_atom_site.group_PDB 
_atom_site.id 
_atom_site.type_symbol 
_atom_site.label_atom_id 
_atom_site.label_alt_id 
_atom_site.label_comp_id 
_atom_site.label_asym_id 
_atom_site.label_entity_id 
_atom_site.label_seq_id 
_atom_site.pdbx_PDB_ins_code 
_atom_site.Cartn_x 
_atom_site.Cartn_y 
_atom_site.Cartn_z 
_atom_site.occupancy 
_atom_site.B_iso_or_equiv 
_atom_site.pdbx_formal_charge 
_atom_site.auth_seq_id 
_atom_site.auth_comp_id 
_atom_site.auth_asym_id 
_atom_site.auth_atom_id 
_atom_site.pdbx_PDB_model_num 
ATOM   1   N N   . GLU A 1 1  ? -9.968  6.316  -5.680  1.00 18.18 ? 1  GLU A N   1 
ATOM   2   C CA  . GLU A 1 1  ? -9.630  6.082  -7.114  1.00 16.10 ? 1  GLU A CA  1 
ATOM   3   C C   . GLU A 1 1  ? -8.541  4.980  -7.150  1.00 13.70 ? 1  GLU A C   1 
ATOM   4   O O   . GLU A 1 1  ? -8.021  4.589  -6.095  1.00 12.55 ? 1  GLU A O   1 
ATOM   5   C CB  . GLU A 1 1  ? -9.196  7.413  -7.781  1.00 19.38 ? 1  GLU A CB  1 
ATOM   6   C CG  . GLU A 1 1  ? -7.723  7.801  -7.616  1.00 24.42 ? 1  GLU A CG  1 
ATOM   7   C CD  . GLU A 1 1  ? -7.485  8.979  -6.688  1.00 28.17 ? 1  GLU A CD  1 
ATOM   8   O OE1 . GLU A 1 1  ? -7.741  8.852  -5.467  1.00 30.57 ? 1  GLU A OE1 1 
ATOM   9   O OE2 . GLU A 1 1  ? -7.013  10.034 -7.181  1.00 27.75 ? 1  GLU A OE2 1 
ATOM   10  N N   . GLN A 1 2  ? -8.202  4.482  -8.332  1.00 10.76 ? 2  GLN A N   1 
ATOM   11  C CA  . GLN A 1 2  ? -7.240  3.393  -8.454  1.00 11.96 ? 2  GLN A CA  1 
ATOM   12  C C   . GLN A 1 2  ? -5.863  3.677  -7.880  1.00 9.69  ? 2  GLN A C   1 
ATOM   13  O O   . GLN A 1 2  ? -5.249  2.791  -7.288  1.00 9.64  ? 2  GLN A O   1 
ATOM   14  C CB  . GLN A 1 2  ? -7.072  2.942  -9.902  1.00 14.62 ? 2  GLN A CB  1 
ATOM   15  C CG  . GLN A 1 2  ? -8.278  2.211  -10.468 1.00 21.96 ? 2  GLN A CG  1 
ATOM   16  C CD  . GLN A 1 2  ? -7.921  1.431  -11.713 1.00 25.19 ? 2  GLN A CD  1 
ATOM   17  O OE1 . GLN A 1 2  ? -6.990  1.805  -12.474 1.00 27.90 ? 2  GLN A OE1 1 
ATOM   18  N NE2 . GLN A 1 2  ? -8.592  0.307  -11.904 1.00 26.72 ? 2  GLN A NE2 1 
ATOM   19  N N   . LEU A 1 3  ? -5.354  4.875  -8.135  1.00 7.97  ? 3  LEU A N   1 
ATOM   20  C CA  . LEU A 1 3  ? -4.034  5.250  -7.634  1.00 8.75  ? 3  LEU A CA  1 
ATOM   21  C C   . LEU A 1 3  ? -3.949  5.157  -6.092  1.00 8.59  ? 3  LEU A C   1 
ATOM   22  O O   . LEU A 1 3  ? -2.965  4.649  -5.535  1.00 8.45  ? 3  LEU A O   1 
ATOM   23  C CB  . LEU A 1 3  ? -3.672  6.670  -8.114  1.00 9.60  ? 3  LEU A CB  1 
ATOM   24  C CG  . LEU A 1 3  ? -2.383  7.284  -7.558  1.00 11.46 ? 3  LEU A CG  1 
ATOM   25  C CD1 . LEU A 1 3  ? -1.203  6.424  -7.980  1.00 12.28 ? 3  LEU A CD1 1 
ATOM   26  C CD2 . LEU A 1 3  ? -2.233  8.694  -8.087  1.00 11.81 ? 3  LEU A CD2 1 
ATOM   27  N N   . LEU A 1 4  ? -4.977  5.662  -5.417  1.00 7.94  ? 4  LEU A N   1 
ATOM   28  C CA  . LEU A 1 4  ? -5.002  5.629  -3.966  1.00 8.11  ? 4  LEU A CA  1 
ATOM   29  C C   . LEU A 1 4  ? -5.006  4.159  -3.494  1.00 7.61  ? 4  LEU A C   1 
ATOM   30  O O   . LEU A 1 4  ? -4.234  3.771  -2.588  1.00 7.66  ? 4  LEU A O   1 
ATOM   31  C CB  . LEU A 1 4  ? -6.261  6.382  -3.445  1.00 9.69  ? 4  LEU A CB  1 
ATOM   32  C CG  . LEU A 1 4  ? -6.469  6.478  -1.921  1.00 14.12 ? 4  LEU A CG  1 
ATOM   33  C CD1 . LEU A 1 4  ? -7.087  5.200  -1.366  1.00 16.96 ? 4  LEU A CD1 1 
ATOM   34  C CD2 . LEU A 1 4  ? -5.147  6.780  -1.203  1.00 13.90 ? 4  LEU A CD2 1 
ATOM   35  N N   . LYS A 1 5  ? -5.857  3.338  -4.094  1.00 6.56  ? 5  LYS A N   1 
ATOM   36  C CA  . LYS A 1 5  ? -5.938  1.944  -3.682  1.00 6.50  ? 5  LYS A CA  1 
ATOM   37  C C   . LYS A 1 5  ? -4.614  1.201  -3.934  1.00 6.54  ? 5  LYS A C   1 
ATOM   38  O O   . LYS A 1 5  ? -4.200  0.349  -3.133  1.00 7.37  ? 5  LYS A O   1 
ATOM   39  C CB  . LYS A 1 5  ? -7.124  1.271  -4.353  1.00 8.68  ? 5  LYS A CB  1 
ATOM   40  C CG  . LYS A 1 5  ? -8.463  1.776  -3.803  1.00 12.45 ? 5  LYS A CG  1 
ATOM   41  C CD  . LYS A 1 5  ? -8.496  1.522  -2.292  1.00 17.54 ? 5  LYS A CD  1 
ATOM   42  C CE  . LYS A 1 5  ? -9.881  1.612  -1.628  1.00 21.47 ? 5  LYS A CE  1 
ATOM   43  N NZ  . LYS A 1 5  ? -9.744  1.215  -0.174  1.00 20.75 ? 5  LYS A NZ  1 
ATOM   44  N N   . ALA A 1 6  ? -3.914  1.557  -5.008  1.00 6.61  ? 6  ALA A N   1 
ATOM   45  C CA  . ALA A 1 6  ? -2.614  0.936  -5.302  1.00 7.01  ? 6  ALA A CA  1 
ATOM   46  C C   . ALA A 1 6  ? -1.619  1.346  -4.190  1.00 6.52  ? 6  ALA A C   1 
ATOM   47  O O   . ALA A 1 6  ? -0.894  0.485  -3.644  1.00 7.18  ? 6  ALA A O   1 
ATOM   48  C CB  . ALA A 1 6  ? -2.094  1.359  -6.705  1.00 7.34  ? 6  ALA A CB  1 
ATOM   49  N N   . LEU A 1 7  ? -1.558  2.641  -3.878  1.00 5.58  ? 7  LEU A N   1 
ATOM   50  C CA  . LEU A 1 7  ? -0.671  3.121  -2.835  1.00 5.53  ? 7  LEU A CA  1 
ATOM   51  C C   . LEU A 1 7  ? -0.980  2.477  -1.492  1.00 6.16  ? 7  LEU A C   1 
ATOM   52  O O   . LEU A 1 7  ? -0.066  2.070  -0.783  1.00 6.81  ? 7  LEU A O   1 
ATOM   53  C CB  . LEU A 1 7  ? -0.752  4.638  -2.683  1.00 7.41  ? 7  LEU A CB  1 
ATOM   54  C CG  . LEU A 1 7  ? 0.067   5.361  -3.753  1.00 9.55  ? 7  LEU A CG  1 
ATOM   55  C CD1 . LEU A 1 7  ? -0.430  6.790  -3.894  1.00 10.98 ? 7  LEU A CD1 1 
ATOM   56  C CD2 . LEU A 1 7  ? 1.537   5.278  -3.384  1.00 10.52 ? 7  LEU A CD2 1 
ATOM   57  N N   . GLU A 1 8  ? -2.257  2.394  -1.132  1.00 5.14  ? 8  GLU A N   1 
ATOM   58  C CA  . GLU A 1 8  ? -2.616  1.794  0.146   1.00 5.46  ? 8  GLU A CA  1 
ATOM   59  C C   . GLU A 1 8  ? -2.091  0.346  0.257   1.00 5.41  ? 8  GLU A C   1 
ATOM   60  O O   . GLU A 1 8  ? -1.542  -0.049 1.281   1.00 6.25  ? 8  GLU A O   1 
ATOM   61  C CB  . GLU A 1 8  ? -4.139  1.818  0.349   1.00 8.12  ? 8  GLU A CB  1 
ATOM   62  C CG  . GLU A 1 8  ? -4.558  1.214  1.677   1.00 10.42 ? 8  GLU A CG  1 
ATOM   63  C CD  . GLU A 1 8  ? -6.083  1.017  1.814   1.00 12.84 ? 8  GLU A CD  1 
ATOM   64  O OE1 . GLU A 1 8  ? -6.790  0.817  0.807   1.00 15.45 ? 8  GLU A OE1 1 
ATOM   65  O OE2 . GLU A 1 8  ? -6.554  1.016  2.950   1.00 13.17 ? 8  GLU A OE2 1 
ATOM   66  N N   . PHE A 1 9  ? -2.285  -0.427 -0.796  1.00 4.95  ? 9  PHE A N   1 
ATOM   67  C CA  . PHE A 1 9  ? -1.852  -1.828 -0.834  1.00 5.79  ? 9  PHE A CA  1 
ATOM   68  C C   . PHE A 1 9  ? -0.324  -1.920 -0.758  1.00 5.29  ? 9  PHE A C   1 
ATOM   69  O O   . PHE A 1 9  ? 0.223   -2.727 0.025   1.00 5.88  ? 9  PHE A O   1 
ATOM   70  C CB  . PHE A 1 9  ? -2.366  -2.501 -2.120  1.00 7.80  ? 9  PHE A CB  1 
ATOM   71  C CG  . PHE A 1 9  ? -1.845  -3.902 -2.331  1.00 10.40 ? 9  PHE A CG  1 
ATOM   72  C CD1 . PHE A 1 9  ? -2.238  -4.938 -1.495  1.00 12.44 ? 9  PHE A CD1 1 
ATOM   73  C CD2 . PHE A 1 9  ? -0.932  -4.161 -3.354  1.00 11.72 ? 9  PHE A CD2 1 
ATOM   74  C CE1 . PHE A 1 9  ? -1.713  -6.247 -1.674  1.00 13.97 ? 9  PHE A CE1 1 
ATOM   75  C CE2 . PHE A 1 9  ? -0.402  -5.437 -3.541  1.00 14.77 ? 9  PHE A CE2 1 
ATOM   76  C CZ  . PHE A 1 9  ? -0.798  -6.486 -2.688  1.00 13.74 ? 9  PHE A CZ  1 
ATOM   77  N N   . LEU A 1 10 ? 0.363   -1.080 -1.545  1.00 4.69  ? 10 LEU A N   1 
ATOM   78  C CA  . LEU A 1 10 ? 1.827   -1.128 -1.550  1.00 6.06  ? 10 LEU A CA  1 
ATOM   79  C C   . LEU A 1 10 ? 2.406   -0.719 -0.189  1.00 6.12  ? 10 LEU A C   1 
ATOM   80  O O   . LEU A 1 10 ? 3.334   -1.372 0.328   1.00 7.42  ? 10 LEU A O   1 
ATOM   81  C CB  . LEU A 1 10 ? 2.422   -0.292 -2.701  1.00 5.98  ? 10 LEU A CB  1 
ATOM   82  C CG  . LEU A 1 10 ? 2.028   -0.799 -4.094  1.00 6.97  ? 10 LEU A CG  1 
ATOM   83  C CD1 . LEU A 1 10 ? 2.345   0.251  -5.160  1.00 7.23  ? 10 LEU A CD1 1 
ATOM   84  C CD2 . LEU A 1 10 ? 2.752   -2.128 -4.412  1.00 9.01  ? 10 LEU A CD2 1 
ATOM   85  N N   . LEU A 1 11 ? 1.852   0.332  0.417   1.00 5.76  ? 11 LEU A N   1 
ATOM   86  C CA  . LEU A 1 11 ? 2.351   0.767  1.710   1.00 6.27  ? 11 LEU A CA  1 
ATOM   87  C C   . LEU A 1 11 ? 2.053   -0.290 2.786   1.00 7.31  ? 11 LEU A C   1 
ATOM   88  O O   . LEU A 1 11 ? 2.864   -0.502 3.694   1.00 7.78  ? 11 LEU A O   1 
ATOM   89  C CB  . LEU A 1 11 ? 1.793   2.150  2.081   1.00 7.46  ? 11 LEU A CB  1 
ATOM   90  C CG  . LEU A 1 11 ? 2.359   3.267  1.182   1.00 9.29  ? 11 LEU A CG  1 
ATOM   91  C CD1 . LEU A 1 11 ? 1.605   4.581  1.451   1.00 11.33 ? 11 LEU A CD1 1 
ATOM   92  C CD2 . LEU A 1 11 ? 3.875   3.421  1.370   1.00 11.16 ? 11 LEU A CD2 1 
ATOM   93  N N   . LYS A 1 12 ? 0.894   -0.953 2.692   1.00 6.27  ? 12 LYS A N   1 
ATOM   94  C CA  . LYS A 1 12 ? 0.557   -2.005 3.645   1.00 7.33  ? 12 LYS A CA  1 
ATOM   95  C C   . LYS A 1 12 ? 1.642   -3.118 3.575   1.00 8.10  ? 12 LYS A C   1 
ATOM   96  O O   . LYS A 1 12 ? 2.072   -3.661 4.623   1.00 9.11  ? 12 LYS A O   1 
ATOM   97  C CB  . LYS A 1 12 ? -0.812  -2.595 3.305   1.00 8.22  ? 12 LYS A CB  1 
ATOM   98  C CG  . LYS A 1 12 ? -1.075  -3.906 3.991   1.00 12.26 ? 12 LYS A CG  1 
ATOM   99  C CD  . LYS A 1 12 ? -2.297  -4.540 3.428   1.00 16.99 ? 12 LYS A CD  1 
ATOM   100 C CE  . LYS A 1 12 ? -1.992  -5.756 2.560   1.00 18.62 ? 12 LYS A CE  1 
ATOM   101 N NZ  . LYS A 1 12 ? -1.496  -6.934 3.367   1.00 17.42 ? 12 LYS A NZ  1 
ATOM   102 N N   . GLU A 1 13 ? 2.042   -3.479 2.353   1.00 7.23  ? 13 GLU A N   1 
ATOM   103 C CA  . GLU A 1 13 ? 3.035   -4.537 2.152   1.00 8.79  ? 13 GLU A CA  1 
ATOM   104 C C   . GLU A 1 13 ? 4.383   -4.116 2.720   1.00 8.60  ? 13 GLU A C   1 
ATOM   105 O O   . GLU A 1 13 ? 5.064   -4.925 3.335   1.00 10.10 ? 13 GLU A O   1 
ATOM   106 C CB  . GLU A 1 13 ? 3.177   -4.899 0.670   1.00 10.03 ? 13 GLU A CB  1 
ATOM   107 C CG  . GLU A 1 13 ? 1.919   -5.513 0.033   1.00 15.22 ? 13 GLU A CG  1 
ATOM   108 C CD  . GLU A 1 13 ? 1.540   -6.824 0.635   1.00 18.97 ? 13 GLU A CD  1 
ATOM   109 O OE1 . GLU A 1 13 ? 2.355   -7.753 0.607   1.00 23.07 ? 13 GLU A OE1 1 
ATOM   110 O OE2 . GLU A 1 13 ? 0.421   -6.961 1.145   1.00 24.88 ? 13 GLU A OE2 1 
ATOM   111 N N   . LEU A 1 14 ? 4.733   -2.842 2.560   1.00 7.83  ? 14 LEU A N   1 
ATOM   112 C CA  . LEU A 1 14 ? 5.988   -2.330 3.101   1.00 8.04  ? 14 LEU A CA  1 
ATOM   113 C C   . LEU A 1 14 ? 5.924   -2.347 4.634   1.00 8.02  ? 14 LEU A C   1 
ATOM   114 O O   . LEU A 1 14 ? 6.879   -2.774 5.296   1.00 9.10  ? 14 LEU A O   1 
ATOM   115 C CB  . LEU A 1 14 ? 6.238   -0.907 2.599   1.00 8.16  ? 14 LEU A CB  1 
ATOM   116 C CG  . LEU A 1 14 ? 7.619   -0.306 2.872   1.00 11.64 ? 14 LEU A CG  1 
ATOM   117 C CD1 . LEU A 1 14 ? 8.740   -1.197 2.263   1.00 12.15 ? 14 LEU A CD1 1 
ATOM   118 C CD2 . LEU A 1 14 ? 7.664   1.115  2.309   1.00 11.68 ? 14 LEU A CD2 1 
ATOM   119 N N   . LEU A 1 15 ? 4.792   -1.926 5.201   1.00 8.26  ? 15 LEU A N   1 
ATOM   120 C CA  . LEU A 1 15 ? 4.623   -1.914 6.663   1.00 10.68 ? 15 LEU A CA  1 
ATOM   121 C C   . LEU A 1 15 ? 4.729   -3.309 7.282   1.00 10.95 ? 15 LEU A C   1 
ATOM   122 O O   . LEU A 1 15 ? 5.193   -3.469 8.412   1.00 11.38 ? 15 LEU A O   1 
ATOM   123 C CB  . LEU A 1 15 ? 3.259   -1.332 7.055   1.00 13.01 ? 15 LEU A CB  1 
ATOM   124 C CG  . LEU A 1 15 ? 3.159   0.055  7.680   1.00 16.67 ? 15 LEU A CG  1 
ATOM   125 C CD1 . LEU A 1 15 ? 1.668   0.390  7.888   1.00 17.14 ? 15 LEU A CD1 1 
ATOM   126 C CD2 . LEU A 1 15 ? 3.898   0.112  8.991   1.00 16.89 ? 15 LEU A CD2 1 
ATOM   127 N N   . GLU A 1 16 ? 4.286   -4.322 6.555   1.00 10.79 ? 16 GLU A N   1 
ATOM   128 C CA  . GLU A 1 16 ? 4.355   -5.672 7.079   1.00 13.94 ? 16 GLU A CA  1 
ATOM   129 C C   . GLU A 1 16 ? 5.781   -6.124 7.313   1.00 13.61 ? 16 GLU A C   1 
ATOM   130 O O   . GLU A 1 16 ? 6.013   -7.081 8.034   1.00 15.68 ? 16 GLU A O   1 
ATOM   131 C CB  . GLU A 1 16 ? 3.638   -6.671 6.156   1.00 16.21 ? 16 GLU A CB  1 
ATOM   132 C CG  . GLU A 1 16 ? 2.132   -6.466 6.160   1.00 22.21 ? 16 GLU A CG  1 
ATOM   133 C CD  . GLU A 1 16 ? 1.344   -7.553 5.393   1.00 25.74 ? 16 GLU A CD  1 
ATOM   134 O OE1 . GLU A 1 16 ? 1.955   -8.605 5.044   1.00 28.24 ? 16 GLU A OE1 1 
ATOM   135 O OE2 . GLU A 1 16 ? 0.109   -7.354 5.188   1.00 26.27 ? 16 GLU A OE2 1 
ATOM   136 N N   . LYS A 1 17 ? 6.735   -5.434 6.723   1.00 11.72 ? 17 LYS A N   1 
ATOM   137 C CA  . LYS A 1 17 ? 8.128   -5.827 6.893   1.00 12.65 ? 17 LYS A CA  1 
ATOM   138 C C   . LYS A 1 17 ? 8.843   -5.234 8.109   1.00 12.33 ? 17 LYS A C   1 
ATOM   139 O O   . LYS A 1 17 ? 9.965   -5.636 8.420   1.00 12.61 ? 17 LYS A O   1 
ATOM   140 C CB  . LYS A 1 17 ? 8.884   -5.520 5.608   1.00 14.38 ? 17 LYS A CB  1 
ATOM   141 C CG  . LYS A 1 17 ? 8.265   -6.275 4.418   1.00 15.66 ? 17 LYS A CG  1 
ATOM   142 C CD  . LYS A 1 17 ? 8.907   -5.849 3.135   1.00 17.42 ? 17 LYS A CD  1 
ATOM   143 C CE  . LYS A 1 17 ? 8.202   -6.482 1.943   1.00 18.41 ? 17 LYS A CE  1 
ATOM   144 N NZ  . LYS A 1 17 ? 8.303   -7.956 1.916   1.00 18.42 ? 17 LYS A NZ  1 
ATOM   145 N N   . LEU A 1 18 ? 8.160   -4.355 8.829   1.00 10.94 ? 18 LEU A N   1 
ATOM   146 C CA  . LEU A 1 18 ? 8.731   -3.674 9.981   1.00 11.99 ? 18 LEU A CA  1 
ATOM   147 C C   . LEU A 1 18 ? 8.539   -4.448 11.274  1.00 12.90 ? 18 LEU A C   1 
ATOM   148 O O   . LEU A 1 18 ? 9.452   -4.453 12.126  1.00 13.81 ? 18 LEU A O   1 
ATOM   149 C CB  . LEU A 1 18 ? 8.086   -2.288 10.096  1.00 12.81 ? 18 LEU A CB  1 
ATOM   150 C CG  . LEU A 1 18 ? 8.703   -1.303 11.083  1.00 14.38 ? 18 LEU A CG  1 
ATOM   151 C CD1 . LEU A 1 18 ? 10.134  -0.990 10.695  1.00 11.72 ? 18 LEU A CD1 1 
ATOM   152 C CD2 . LEU A 1 18 ? 7.862   -0.054 11.103  1.00 13.92 ? 18 LEU A CD2 1 
ATOM   153 O OXT . LEU A 1 18 ? 7.455   -5.001 11.456  1.00 12.74 ? 18 LEU A OXT 1 
HETATM 154 O O   . HOH B 2 .  ? -11.946 -2.321 -2.849  1.00 26.37 ? 19 HOH A O   1 
HETATM 155 O O   . HOH B 2 .  ? -9.546  3.317  1.686   1.00 20.26 ? 20 HOH A O   1 
HETATM 156 O O   . HOH B 2 .  ? -5.987  -1.131 -1.476  1.00 17.56 ? 21 HOH A O   1 
HETATM 157 O O   . HOH B 2 .  ? -7.856  -2.407 -2.889  1.00 21.68 ? 22 HOH A O   1 
HETATM 158 O O   . HOH B 2 .  ? -13.108 -0.451 -0.851  1.00 28.99 ? 23 HOH A O   1 
HETATM 159 O O   . HOH B 2 .  ? -6.376  6.457  -10.280 1.00 15.94 ? 25 HOH A O   1 
HETATM 160 O O   . HOH B 2 .  ? -5.996  5.023  -13.087 1.00 37.53 ? 26 HOH A O   1 
HETATM 161 O O   . HOH B 2 .  ? -11.556 3.870  -9.125  1.00 29.18 ? 27 HOH A O   1 
HETATM 162 O O   . HOH B 2 .  ? -9.935  -4.068 -3.141  1.00 29.16 ? 28 HOH A O   1 
# 
